data_5M68
#
_entry.id   5M68
#
_cell.length_a   44.780
_cell.length_b   44.780
_cell.length_c   99.010
_cell.angle_alpha   90.00
_cell.angle_beta   90.00
_cell.angle_gamma   120.00
#
_symmetry.space_group_name_H-M   'P 32'
#
loop_
_entity.id
_entity.type
_entity.pdbx_description
1 polymer "DNA (5'-D(*CP*GP*AP*AP*TP*TP*AP*AP*TP*TP*CP*G)-3')"
2 non-polymer 'NICKEL (II) ION'
3 water water
#
_entity_poly.entity_id   1
_entity_poly.type   'polydeoxyribonucleotide'
_entity_poly.pdbx_seq_one_letter_code
;(DC)(DG)(DA)(DA)(DT)(DT)(DA)(DA)(DT)(DT)(DC)(DG)
;
_entity_poly.pdbx_strand_id   A,B,C,D,E,F
#